data_3QRH
#
_entry.id   3QRH
#
_cell.length_a   122.540
_cell.length_b   138.090
_cell.length_c   62.800
_cell.angle_alpha   90.000
_cell.angle_beta   90.000
_cell.angle_gamma   90.000
#
_symmetry.space_group_name_H-M   'C 2 2 21'
#
loop_
_entity.id
_entity.type
_entity.pdbx_description
1 polymer 'Fructose-bisphosphate aldolase'
2 non-polymer GLYCERALDEHYDE-3-PHOSPHATE
3 water water
#
_entity_poly.entity_id   1
_entity_poly.type   'polypeptide(L)'
_entity_poly.pdbx_seq_one_letter_code
;GPGSMMDCDHLLRLGMTAKKILENGKGILAADETPKTLGRRFEKLGITNTEENRRKFREILFSTKGIERYIGGVILNQET
FEQTSGSGVPLTELLKKKGIEIGIKLDKGLIDYKEKEKISVGLEDLDLRCKSSAFKDATFAKWRSLFYFYDGIPSEDCIN
ENCSILAKYAIICQKNGLVPIVEPEVFLEGDYSMKRSYEVTRQILSTLMKYLNYELVYIPGVLIKASYVTSGQLSNEKYT
PKKVATFTLRALLSTIPCGIPGIVFLSGGHGSEDAIGFLNAINMERGCRTWSLSFSFARALTDGVLETWRGDDSNIEEAQ
KILLETSFKACRGAEGKLWDQE
;
_entity_poly.pdbx_strand_id   A
#
# COMPACT_ATOMS: atom_id res chain seq x y z
N MET A 6 -17.47 18.86 3.24
CA MET A 6 -16.19 19.20 2.53
C MET A 6 -15.87 20.68 2.82
N ASP A 7 -16.03 21.05 4.10
CA ASP A 7 -15.69 22.40 4.65
C ASP A 7 -14.22 22.45 5.11
N CYS A 8 -13.75 23.61 5.58
CA CYS A 8 -12.33 23.74 5.95
C CYS A 8 -11.86 22.78 7.07
N ASP A 9 -12.57 22.73 8.19
CA ASP A 9 -12.22 21.79 9.27
C ASP A 9 -12.24 20.33 8.76
N HIS A 10 -13.23 20.01 7.94
CA HIS A 10 -13.34 18.70 7.31
C HIS A 10 -12.06 18.38 6.52
N LEU A 11 -11.56 19.35 5.75
CA LEU A 11 -10.35 19.17 4.95
C LEU A 11 -9.13 19.06 5.85
N LEU A 12 -9.04 19.88 6.89
CA LEU A 12 -7.91 19.76 7.84
C LEU A 12 -7.85 18.39 8.51
N ARG A 13 -9.00 17.79 8.84
CA ARG A 13 -9.00 16.44 9.44
C ARG A 13 -8.35 15.37 8.52
N LEU A 14 -8.68 15.45 7.24
CA LEU A 14 -8.05 14.57 6.25
C LEU A 14 -6.53 14.72 6.23
N GLY A 15 -6.04 15.95 6.19
CA GLY A 15 -4.58 16.17 6.21
C GLY A 15 -3.93 15.66 7.50
N MET A 16 -4.60 15.87 8.64
CA MET A 16 -4.11 15.34 9.93
C MET A 16 -4.03 13.82 9.95
N THR A 17 -5.04 13.15 9.41
CA THR A 17 -4.99 11.69 9.29
C THR A 17 -3.84 11.22 8.40
N ALA A 18 -3.67 11.83 7.23
CA ALA A 18 -2.60 11.42 6.32
C ALA A 18 -1.24 11.54 7.02
N LYS A 19 -1.04 12.62 7.76
CA LYS A 19 0.22 12.80 8.52
C LYS A 19 0.39 11.82 9.70
N LYS A 20 -0.68 11.55 10.42
CA LYS A 20 -0.60 10.63 11.55
C LYS A 20 -0.15 9.23 11.13
N ILE A 21 -0.57 8.80 9.95
CA ILE A 21 -0.24 7.46 9.46
C ILE A 21 1.25 7.34 9.28
N LEU A 22 1.90 8.41 8.85
CA LEU A 22 3.33 8.37 8.53
C LEU A 22 4.26 9.09 9.53
N GLU A 23 3.75 9.51 10.68
CA GLU A 23 4.61 10.23 11.64
C GLU A 23 5.70 9.33 12.20
N ASN A 24 6.87 9.92 12.46
CA ASN A 24 7.92 9.26 13.19
C ASN A 24 8.48 8.04 12.47
N GLY A 25 8.59 8.16 11.15
CA GLY A 25 9.08 7.06 10.36
C GLY A 25 8.17 5.86 10.22
N LYS A 26 6.92 5.97 10.68
CA LYS A 26 5.99 4.85 10.55
C LYS A 26 5.53 4.62 9.12
N GLY A 27 5.02 3.42 8.88
CA GLY A 27 4.42 3.05 7.60
C GLY A 27 3.18 2.20 7.76
N ILE A 28 2.74 1.64 6.66
CA ILE A 28 1.47 0.93 6.60
C ILE A 28 1.71 -0.56 6.41
N LEU A 29 1.02 -1.34 7.24
CA LEU A 29 0.90 -2.77 7.05
C LEU A 29 -0.34 -3.00 6.21
N ALA A 30 -0.15 -3.50 5.02
CA ALA A 30 -1.27 -3.85 4.15
C ALA A 30 -1.70 -5.28 4.49
N ALA A 31 -2.94 -5.46 4.95
CA ALA A 31 -3.48 -6.80 5.29
C ALA A 31 -4.80 -7.07 4.56
N ASP A 32 -4.93 -6.50 3.37
CA ASP A 32 -6.24 -6.34 2.71
C ASP A 32 -6.53 -7.37 1.63
N GLU A 33 -5.67 -8.37 1.51
CA GLU A 33 -5.89 -9.47 0.55
C GLU A 33 -7.29 -10.10 0.63
N THR A 34 -7.91 -10.20 -0.53
CA THR A 34 -9.14 -10.95 -0.70
C THR A 34 -8.88 -12.41 -0.32
N PRO A 35 -9.95 -13.10 0.10
CA PRO A 35 -9.88 -14.54 0.37
C PRO A 35 -9.15 -15.35 -0.72
N LYS A 36 -9.39 -15.03 -1.98
CA LYS A 36 -8.68 -15.69 -3.10
C LYS A 36 -7.18 -15.41 -3.16
N THR A 37 -6.79 -14.16 -2.99
CA THR A 37 -5.38 -13.76 -3.02
C THR A 37 -4.61 -14.34 -1.81
N LEU A 38 -5.16 -14.19 -0.62
CA LEU A 38 -4.54 -14.81 0.58
C LEU A 38 -4.50 -16.34 0.49
N GLY A 39 -5.62 -16.93 0.04
CA GLY A 39 -5.74 -18.37 -0.24
C GLY A 39 -4.57 -18.95 -1.02
N ARG A 40 -4.19 -18.29 -2.12
CA ARG A 40 -3.08 -18.74 -2.97
C ARG A 40 -1.76 -18.75 -2.18
N ARG A 41 -1.55 -17.69 -1.41
CA ARG A 41 -0.40 -17.63 -0.52
C ARG A 41 -0.38 -18.75 0.51
N PHE A 42 -1.54 -19.00 1.13
CA PHE A 42 -1.71 -20.11 2.07
C PHE A 42 -1.38 -21.46 1.43
N GLU A 43 -1.90 -21.69 0.22
CA GLU A 43 -1.82 -23.03 -0.38
C GLU A 43 -0.40 -23.42 -0.80
N LYS A 44 0.44 -22.43 -1.08
CA LYS A 44 1.83 -22.66 -1.42
C LYS A 44 2.55 -23.21 -0.19
N LEU A 45 2.15 -22.73 0.99
CA LEU A 45 2.78 -23.12 2.25
C LEU A 45 2.00 -24.19 3.00
N GLY A 46 1.08 -24.89 2.34
CA GLY A 46 0.36 -26.00 2.95
C GLY A 46 -0.73 -25.65 3.97
N ILE A 47 -1.13 -24.38 4.01
CA ILE A 47 -2.16 -23.89 4.94
C ILE A 47 -3.53 -23.87 4.26
N THR A 48 -4.54 -24.47 4.90
CA THR A 48 -5.90 -24.55 4.35
C THR A 48 -6.55 -23.18 4.32
N ASN A 49 -7.16 -22.82 3.18
CA ASN A 49 -7.86 -21.55 3.07
C ASN A 49 -9.26 -21.60 3.68
N THR A 50 -9.31 -21.71 5.00
CA THR A 50 -10.57 -21.56 5.72
C THR A 50 -10.69 -20.11 6.16
N GLU A 51 -11.92 -19.65 6.32
CA GLU A 51 -12.16 -18.36 6.95
C GLU A 51 -11.45 -18.30 8.31
N GLU A 52 -11.48 -19.41 9.06
CA GLU A 52 -10.84 -19.45 10.38
C GLU A 52 -9.34 -19.14 10.30
N ASN A 53 -8.64 -19.70 9.30
CA ASN A 53 -7.22 -19.42 9.16
C ASN A 53 -6.92 -18.00 8.70
N ARG A 54 -7.79 -17.44 7.87
CA ARG A 54 -7.68 -16.03 7.51
C ARG A 54 -7.90 -15.14 8.73
N ARG A 55 -8.92 -15.46 9.52
CA ARG A 55 -9.18 -14.72 10.73
C ARG A 55 -7.96 -14.81 11.68
N LYS A 56 -7.48 -16.03 11.89
CA LYS A 56 -6.34 -16.25 12.78
C LYS A 56 -5.09 -15.53 12.28
N PHE A 57 -4.83 -15.60 10.99
CA PHE A 57 -3.67 -14.88 10.41
C PHE A 57 -3.71 -13.38 10.73
N ARG A 58 -4.87 -12.75 10.53
CA ARG A 58 -5.01 -11.32 10.84
C ARG A 58 -4.90 -11.05 12.35
N GLU A 59 -5.47 -11.95 13.18
CA GLU A 59 -5.27 -11.83 14.62
C GLU A 59 -3.77 -11.87 14.99
N ILE A 60 -3.02 -12.78 14.36
CA ILE A 60 -1.59 -12.91 14.62
C ILE A 60 -0.88 -11.61 14.32
N LEU A 61 -1.22 -11.00 13.18
CA LEU A 61 -0.62 -9.72 12.79
C LEU A 61 -1.01 -8.63 13.76
N PHE A 62 -2.31 -8.45 13.97
CA PHE A 62 -2.80 -7.30 14.72
C PHE A 62 -2.49 -7.35 16.21
N SER A 63 -2.30 -8.54 16.77
CA SER A 63 -2.05 -8.70 18.21
C SER A 63 -0.57 -8.69 18.58
N THR A 64 0.29 -8.44 17.60
CA THR A 64 1.72 -8.45 17.84
C THR A 64 2.06 -7.27 18.73
N LYS A 65 2.71 -7.55 19.86
CA LYS A 65 3.08 -6.53 20.82
C LYS A 65 4.14 -5.58 20.27
N GLY A 66 3.91 -4.28 20.43
CA GLY A 66 4.89 -3.26 20.03
C GLY A 66 4.86 -2.83 18.57
N ILE A 67 3.97 -3.42 17.78
CA ILE A 67 3.90 -3.15 16.36
C ILE A 67 3.56 -1.68 16.04
N GLU A 68 2.82 -1.04 16.94
CA GLU A 68 2.42 0.36 16.78
C GLU A 68 3.59 1.35 16.83
N ARG A 69 4.76 0.94 17.32
CA ARG A 69 5.95 1.81 17.21
C ARG A 69 6.35 2.04 15.74
N TYR A 70 6.04 1.06 14.89
CA TYR A 70 6.48 1.04 13.47
C TYR A 70 5.37 1.17 12.43
N ILE A 71 4.16 0.81 12.81
CA ILE A 71 3.04 0.74 11.90
C ILE A 71 2.04 1.83 12.31
N GLY A 72 1.81 2.79 11.41
CA GLY A 72 0.86 3.90 11.68
C GLY A 72 -0.55 3.62 11.21
N GLY A 73 -0.68 2.68 10.29
CA GLY A 73 -1.98 2.28 9.79
C GLY A 73 -1.95 0.89 9.23
N VAL A 74 -3.14 0.26 9.23
CA VAL A 74 -3.32 -1.05 8.66
C VAL A 74 -4.46 -1.03 7.68
N ILE A 75 -4.22 -1.58 6.50
CA ILE A 75 -5.28 -1.72 5.50
C ILE A 75 -5.99 -3.06 5.63
N LEU A 76 -7.27 -3.05 6.00
CA LEU A 76 -8.03 -4.28 6.17
C LEU A 76 -8.83 -4.65 4.93
N ASN A 77 -9.09 -5.95 4.78
CA ASN A 77 -10.07 -6.48 3.87
C ASN A 77 -11.45 -6.29 4.51
N GLN A 78 -12.46 -6.07 3.68
CA GLN A 78 -13.81 -5.91 4.16
C GLN A 78 -14.24 -7.04 5.11
N GLU A 79 -13.89 -8.27 4.80
CA GLU A 79 -14.34 -9.39 5.65
C GLU A 79 -13.81 -9.30 7.09
N THR A 80 -12.64 -8.68 7.29
CA THR A 80 -11.96 -8.67 8.59
C THR A 80 -12.66 -7.74 9.58
N PHE A 81 -13.42 -6.77 9.04
CA PHE A 81 -14.21 -5.91 9.89
C PHE A 81 -15.28 -6.68 10.61
N GLU A 82 -15.71 -7.83 10.10
CA GLU A 82 -16.75 -8.61 10.78
C GLU A 82 -16.17 -9.62 11.75
N GLN A 83 -14.86 -9.62 11.97
CA GLN A 83 -14.21 -10.72 12.65
C GLN A 83 -13.72 -10.38 14.06
N THR A 84 -13.62 -11.42 14.88
CA THR A 84 -13.15 -11.29 16.25
C THR A 84 -11.88 -12.15 16.48
N SER A 85 -11.17 -11.84 17.56
CA SER A 85 -10.05 -12.66 18.01
C SER A 85 -10.59 -13.94 18.66
N GLY A 86 -9.68 -14.88 18.93
CA GLY A 86 -10.04 -16.11 19.62
C GLY A 86 -10.61 -15.81 20.99
N SER A 87 -10.16 -14.71 21.59
CA SER A 87 -10.61 -14.30 22.90
C SER A 87 -11.92 -13.49 22.89
N GLY A 88 -12.51 -13.25 21.70
CA GLY A 88 -13.80 -12.52 21.60
C GLY A 88 -13.75 -11.04 21.17
N VAL A 89 -12.56 -10.43 21.14
CA VAL A 89 -12.43 -8.99 20.86
C VAL A 89 -12.45 -8.72 19.35
N PRO A 90 -13.36 -7.82 18.87
CA PRO A 90 -13.28 -7.49 17.43
C PRO A 90 -11.86 -7.17 17.00
N LEU A 91 -11.46 -7.61 15.81
CA LEU A 91 -10.07 -7.44 15.37
C LEU A 91 -9.73 -5.97 15.22
N THR A 92 -10.68 -5.15 14.80
CA THR A 92 -10.45 -3.71 14.72
C THR A 92 -10.11 -3.13 16.08
N GLU A 93 -10.68 -3.68 17.16
CA GLU A 93 -10.41 -3.17 18.51
C GLU A 93 -8.95 -3.41 18.91
N LEU A 94 -8.32 -4.47 18.38
CA LEU A 94 -6.91 -4.72 18.61
C LEU A 94 -6.06 -3.55 18.11
N LEU A 95 -6.43 -3.02 16.95
CA LEU A 95 -5.69 -1.91 16.35
C LEU A 95 -6.03 -0.56 17.00
N LYS A 96 -7.32 -0.31 17.25
CA LYS A 96 -7.76 0.93 17.90
C LYS A 96 -7.07 1.09 19.24
N LYS A 97 -7.07 0.03 20.05
CA LYS A 97 -6.44 0.08 21.37
C LYS A 97 -4.95 0.44 21.24
N LYS A 98 -4.32 0.05 20.13
CA LYS A 98 -2.92 0.36 19.88
C LYS A 98 -2.70 1.76 19.28
N GLY A 99 -3.79 2.50 19.03
CA GLY A 99 -3.69 3.80 18.34
C GLY A 99 -3.33 3.73 16.87
N ILE A 100 -3.52 2.57 16.23
CA ILE A 100 -3.16 2.41 14.81
C ILE A 100 -4.38 2.74 13.95
N GLU A 101 -4.18 3.56 12.90
CA GLU A 101 -5.29 3.94 11.99
C GLU A 101 -5.75 2.73 11.20
N ILE A 102 -7.07 2.64 11.06
CA ILE A 102 -7.74 1.52 10.38
C ILE A 102 -8.18 1.91 8.95
N GLY A 103 -7.73 1.15 7.95
CA GLY A 103 -8.11 1.46 6.62
C GLY A 103 -8.97 0.35 6.02
N ILE A 104 -9.73 0.69 4.97
CA ILE A 104 -10.55 -0.28 4.24
C ILE A 104 -10.19 -0.28 2.75
N LYS A 105 -9.83 -1.43 2.20
CA LYS A 105 -9.65 -1.50 0.74
C LYS A 105 -11.05 -1.50 0.07
N LEU A 106 -11.29 -0.57 -0.85
CA LEU A 106 -12.63 -0.38 -1.40
C LEU A 106 -12.82 -0.73 -2.88
N ASP A 107 -11.77 -1.06 -3.63
CA ASP A 107 -11.98 -1.54 -4.98
C ASP A 107 -12.60 -2.94 -5.00
N LYS A 108 -13.28 -3.27 -6.10
CA LYS A 108 -13.86 -4.61 -6.35
C LYS A 108 -13.02 -5.35 -7.39
N GLY A 109 -11.70 -5.09 -7.42
CA GLY A 109 -10.85 -5.84 -8.32
C GLY A 109 -10.83 -5.20 -9.72
N LEU A 110 -10.42 -6.00 -10.71
CA LEU A 110 -10.09 -5.54 -12.05
C LEU A 110 -11.00 -6.23 -13.07
N ILE A 111 -11.21 -5.61 -14.22
CA ILE A 111 -11.81 -6.23 -15.36
C ILE A 111 -10.97 -5.88 -16.62
N ASP A 112 -11.11 -6.68 -17.66
CA ASP A 112 -10.40 -6.50 -18.92
C ASP A 112 -10.67 -5.12 -19.52
N TYR A 113 -9.63 -4.54 -20.12
CA TYR A 113 -9.75 -3.26 -20.82
C TYR A 113 -8.86 -3.31 -22.06
N LYS A 114 -9.47 -3.00 -23.22
CA LYS A 114 -8.81 -3.04 -24.51
C LYS A 114 -8.16 -4.42 -24.70
N GLU A 115 -6.93 -4.45 -25.20
CA GLU A 115 -6.22 -5.69 -25.40
C GLU A 115 -5.13 -5.83 -24.35
N LYS A 116 -5.32 -6.77 -23.45
CA LYS A 116 -4.29 -7.13 -22.50
C LYS A 116 -4.16 -6.15 -21.33
N GLU A 117 -5.06 -5.19 -21.17
CA GLU A 117 -4.93 -4.22 -20.06
C GLU A 117 -6.09 -4.39 -19.09
N LYS A 118 -6.06 -3.61 -17.99
CA LYS A 118 -7.06 -3.74 -16.95
C LYS A 118 -7.47 -2.36 -16.50
N ILE A 119 -8.72 -2.26 -16.04
CA ILE A 119 -9.20 -1.16 -15.23
C ILE A 119 -9.76 -1.73 -13.91
N SER A 120 -9.80 -0.91 -12.88
CA SER A 120 -10.34 -1.33 -11.59
C SER A 120 -11.81 -0.88 -11.52
N VAL A 121 -12.63 -1.62 -10.76
CA VAL A 121 -14.07 -1.39 -10.72
C VAL A 121 -14.63 -1.25 -9.30
N GLY A 122 -15.83 -0.67 -9.22
CA GLY A 122 -16.58 -0.52 -7.96
C GLY A 122 -17.10 0.88 -7.63
N LEU A 123 -16.99 1.84 -8.56
CA LEU A 123 -17.38 3.23 -8.23
C LEU A 123 -18.89 3.44 -8.02
N GLU A 124 -19.70 2.59 -8.66
CA GLU A 124 -21.15 2.78 -8.71
C GLU A 124 -21.85 2.81 -7.35
N ASP A 125 -21.39 1.98 -6.42
CA ASP A 125 -21.92 1.98 -5.04
C ASP A 125 -20.85 2.40 -4.00
N LEU A 126 -19.79 3.06 -4.44
CA LEU A 126 -18.67 3.39 -3.56
C LEU A 126 -19.18 4.32 -2.43
N ASP A 127 -19.94 5.34 -2.81
CA ASP A 127 -20.45 6.28 -1.78
C ASP A 127 -21.28 5.58 -0.69
N LEU A 128 -22.21 4.72 -1.12
CA LEU A 128 -23.00 3.89 -0.20
C LEU A 128 -22.10 3.02 0.69
N ARG A 129 -21.13 2.32 0.09
CA ARG A 129 -20.22 1.47 0.85
C ARG A 129 -19.38 2.26 1.88
N CYS A 130 -18.90 3.44 1.51
CA CYS A 130 -18.14 4.29 2.45
C CYS A 130 -18.94 4.60 3.71
N LYS A 131 -20.26 4.68 3.55
CA LYS A 131 -21.16 4.94 4.68
C LYS A 131 -21.56 3.69 5.48
N SER A 132 -21.16 2.48 5.04
CA SER A 132 -21.47 1.23 5.76
CA SER A 132 -21.54 1.28 5.78
C SER A 132 -21.11 1.34 7.24
N SER A 133 -21.97 0.85 8.13
CA SER A 133 -21.64 0.88 9.56
C SER A 133 -20.47 -0.07 9.86
N ALA A 134 -20.29 -1.06 8.99
CA ALA A 134 -19.15 -1.97 9.04
C ALA A 134 -17.82 -1.21 9.15
N PHE A 135 -17.69 -0.11 8.41
CA PHE A 135 -16.41 0.63 8.35
C PHE A 135 -16.41 1.89 9.17
N LYS A 136 -17.27 1.95 10.19
CA LYS A 136 -17.38 3.15 11.03
C LYS A 136 -16.07 3.57 11.67
N ASP A 137 -15.19 2.62 11.98
CA ASP A 137 -13.92 2.92 12.64
C ASP A 137 -12.76 3.23 11.66
N ALA A 138 -13.01 3.03 10.37
CA ALA A 138 -11.99 3.30 9.36
C ALA A 138 -11.82 4.81 9.16
N THR A 139 -10.59 5.24 8.97
CA THR A 139 -10.27 6.64 8.68
C THR A 139 -9.55 6.83 7.35
N PHE A 140 -9.20 5.74 6.68
CA PHE A 140 -8.60 5.84 5.38
C PHE A 140 -9.01 4.65 4.52
N ALA A 141 -8.71 4.73 3.23
CA ALA A 141 -9.09 3.69 2.28
C ALA A 141 -8.00 3.45 1.28
N LYS A 142 -8.15 2.39 0.51
CA LYS A 142 -7.20 2.03 -0.53
C LYS A 142 -7.96 1.51 -1.75
N TRP A 143 -7.42 1.84 -2.94
CA TRP A 143 -7.97 1.43 -4.19
C TRP A 143 -6.82 1.19 -5.14
N ARG A 144 -6.79 0.00 -5.71
CA ARG A 144 -5.68 -0.42 -6.60
C ARG A 144 -6.09 -0.51 -8.07
N SER A 145 -5.27 0.11 -8.90
CA SER A 145 -5.25 -0.14 -10.31
C SER A 145 -3.93 -0.81 -10.61
N LEU A 146 -3.87 -1.50 -11.74
CA LEU A 146 -2.68 -2.25 -12.13
C LEU A 146 -2.38 -2.06 -13.60
N PHE A 147 -1.13 -1.71 -13.89
CA PHE A 147 -0.69 -1.42 -15.22
C PHE A 147 0.23 -2.50 -15.68
N TYR A 148 -0.26 -3.28 -16.65
CA TYR A 148 0.53 -4.31 -17.32
C TYR A 148 1.43 -3.66 -18.38
N PHE A 149 2.62 -4.23 -18.56
CA PHE A 149 3.59 -3.76 -19.56
C PHE A 149 3.83 -4.82 -20.65
N TYR A 150 3.61 -4.44 -21.91
CA TYR A 150 3.98 -5.25 -23.09
C TYR A 150 4.38 -4.20 -24.14
N ASP A 151 4.62 -4.63 -25.38
CA ASP A 151 4.93 -3.69 -26.49
C ASP A 151 3.79 -2.69 -26.65
N GLY A 152 4.11 -1.39 -26.59
CA GLY A 152 3.11 -0.33 -26.78
C GLY A 152 2.09 -0.22 -25.64
N ILE A 153 2.40 -0.80 -24.48
CA ILE A 153 1.45 -0.86 -23.35
C ILE A 153 2.27 -0.56 -22.09
N PRO A 154 1.75 0.25 -21.12
CA PRO A 154 0.38 0.78 -21.00
C PRO A 154 0.01 1.70 -22.14
N SER A 155 -1.22 1.61 -22.62
CA SER A 155 -1.68 2.53 -23.66
C SER A 155 -2.14 3.84 -22.94
N GLU A 156 -2.13 4.96 -23.67
CA GLU A 156 -2.61 6.23 -23.13
C GLU A 156 -4.08 6.12 -22.64
N ASP A 157 -4.92 5.39 -23.37
CA ASP A 157 -6.33 5.24 -22.96
C ASP A 157 -6.41 4.63 -21.58
N CYS A 158 -5.58 3.62 -21.36
CA CYS A 158 -5.59 2.87 -20.10
C CYS A 158 -5.03 3.69 -18.91
N ILE A 159 -3.96 4.43 -19.18
CA ILE A 159 -3.47 5.45 -18.21
C ILE A 159 -4.57 6.44 -17.84
N ASN A 160 -5.24 7.02 -18.85
CA ASN A 160 -6.26 8.01 -18.56
C ASN A 160 -7.45 7.43 -17.79
N GLU A 161 -7.87 6.25 -18.21
CA GLU A 161 -9.07 5.64 -17.62
C GLU A 161 -8.80 5.27 -16.19
N ASN A 162 -7.66 4.65 -15.94
CA ASN A 162 -7.30 4.29 -14.56
C ASN A 162 -7.10 5.50 -13.62
N CYS A 163 -6.46 6.55 -14.15
CA CYS A 163 -6.25 7.79 -13.39
C CYS A 163 -7.58 8.45 -13.11
N SER A 164 -8.48 8.45 -14.10
CA SER A 164 -9.85 8.95 -13.91
C SER A 164 -10.55 8.20 -12.78
N ILE A 165 -10.52 6.88 -12.84
CA ILE A 165 -11.15 6.04 -11.80
C ILE A 165 -10.55 6.30 -10.40
N LEU A 166 -9.24 6.31 -10.34
CA LEU A 166 -8.57 6.66 -9.05
C LEU A 166 -8.99 8.01 -8.46
N ALA A 167 -9.08 9.01 -9.33
CA ALA A 167 -9.44 10.34 -8.93
C ALA A 167 -10.90 10.42 -8.49
N LYS A 168 -11.78 9.71 -9.20
CA LYS A 168 -13.19 9.64 -8.79
C LYS A 168 -13.37 8.97 -7.44
N TYR A 169 -12.65 7.90 -7.22
CA TYR A 169 -12.64 7.22 -5.90
C TYR A 169 -12.12 8.11 -4.80
N ALA A 170 -11.07 8.88 -5.12
CA ALA A 170 -10.44 9.77 -4.14
C ALA A 170 -11.40 10.85 -3.68
N ILE A 171 -12.14 11.47 -4.61
CA ILE A 171 -13.03 12.55 -4.23
C ILE A 171 -14.21 11.99 -3.40
N ILE A 172 -14.75 10.84 -3.78
CA ILE A 172 -15.81 10.19 -2.97
C ILE A 172 -15.38 9.83 -1.52
N CYS A 173 -14.20 9.26 -1.41
CA CYS A 173 -13.57 9.03 -0.10
C CYS A 173 -13.54 10.28 0.74
N GLN A 174 -12.98 11.36 0.17
CA GLN A 174 -12.80 12.59 0.92
C GLN A 174 -14.14 13.17 1.35
N LYS A 175 -15.13 13.15 0.45
CA LYS A 175 -16.48 13.60 0.80
C LYS A 175 -17.10 12.80 1.97
N ASN A 176 -16.67 11.56 2.16
CA ASN A 176 -17.08 10.73 3.30
C ASN A 176 -16.11 10.73 4.50
N GLY A 177 -15.15 11.64 4.47
CA GLY A 177 -14.21 11.77 5.59
C GLY A 177 -13.17 10.68 5.67
N LEU A 178 -12.84 10.07 4.54
CA LEU A 178 -11.75 9.08 4.49
C LEU A 178 -10.60 9.58 3.66
N VAL A 179 -9.38 9.36 4.15
CA VAL A 179 -8.20 9.69 3.35
C VAL A 179 -8.01 8.60 2.32
N PRO A 180 -8.01 8.96 1.03
CA PRO A 180 -7.76 7.93 0.01
C PRO A 180 -6.30 7.63 -0.27
N ILE A 181 -5.92 6.35 -0.26
CA ILE A 181 -4.66 5.92 -0.87
C ILE A 181 -5.03 5.50 -2.26
N VAL A 182 -4.36 6.14 -3.25
CA VAL A 182 -4.48 5.78 -4.64
C VAL A 182 -3.22 5.00 -5.04
N GLU A 183 -3.46 3.84 -5.63
CA GLU A 183 -2.40 2.87 -5.90
C GLU A 183 -2.33 2.57 -7.38
N PRO A 184 -1.55 3.38 -8.09
CA PRO A 184 -1.33 3.11 -9.52
C PRO A 184 -0.16 2.13 -9.72
N GLU A 185 -0.37 0.86 -9.42
CA GLU A 185 0.76 -0.06 -9.42
C GLU A 185 1.29 -0.39 -10.81
N VAL A 186 2.61 -0.31 -10.99
CA VAL A 186 3.27 -0.70 -12.22
C VAL A 186 3.63 -2.17 -12.03
N PHE A 187 3.00 -3.07 -12.78
CA PHE A 187 3.16 -4.49 -12.51
C PHE A 187 4.60 -5.00 -12.81
N LEU A 188 5.24 -5.62 -11.83
CA LEU A 188 6.64 -6.13 -11.96
C LEU A 188 6.80 -7.29 -12.94
N GLU A 189 5.73 -8.09 -13.09
CA GLU A 189 5.75 -9.24 -13.98
C GLU A 189 5.57 -8.71 -15.37
N GLY A 190 6.70 -8.49 -16.05
CA GLY A 190 6.69 -8.08 -17.41
C GLY A 190 8.11 -8.01 -17.90
N ASP A 191 8.26 -7.75 -19.19
CA ASP A 191 9.55 -7.64 -19.83
C ASP A 191 9.71 -6.21 -20.32
N TYR A 192 10.31 -5.36 -19.50
CA TYR A 192 10.58 -3.99 -19.87
C TYR A 192 11.84 -3.54 -19.16
N SER A 193 12.52 -2.57 -19.76
CA SER A 193 13.78 -2.04 -19.22
C SER A 193 13.46 -1.02 -18.11
N MET A 194 14.49 -0.66 -17.34
CA MET A 194 14.33 0.30 -16.23
C MET A 194 14.09 1.70 -16.81
N LYS A 195 14.70 1.99 -17.95
CA LYS A 195 14.43 3.26 -18.66
C LYS A 195 12.93 3.38 -18.98
N ARG A 196 12.37 2.33 -19.52
CA ARG A 196 10.96 2.35 -19.89
C ARG A 196 10.05 2.51 -18.66
N SER A 197 10.35 1.79 -17.58
CA SER A 197 9.61 1.95 -16.34
C SER A 197 9.67 3.41 -15.85
N TYR A 198 10.84 3.99 -15.88
CA TYR A 198 11.07 5.34 -15.47
C TYR A 198 10.20 6.31 -16.29
N GLU A 199 10.22 6.14 -17.61
CA GLU A 199 9.53 7.05 -18.47
C GLU A 199 8.01 6.90 -18.30
N VAL A 200 7.54 5.66 -18.23
CA VAL A 200 6.10 5.42 -18.09
C VAL A 200 5.62 5.81 -16.71
N THR A 201 6.43 5.61 -15.67
CA THR A 201 6.08 6.07 -14.31
C THR A 201 5.84 7.59 -14.29
N ARG A 202 6.70 8.34 -14.99
CA ARG A 202 6.52 9.79 -15.16
C ARG A 202 5.23 10.14 -15.90
N GLN A 203 4.86 9.34 -16.92
CA GLN A 203 3.55 9.52 -17.57
C GLN A 203 2.40 9.24 -16.63
N ILE A 204 2.46 8.10 -15.93
CA ILE A 204 1.35 7.70 -15.08
C ILE A 204 1.18 8.65 -13.91
N LEU A 205 2.26 8.96 -13.20
CA LEU A 205 2.13 9.81 -12.03
C LEU A 205 1.73 11.25 -12.39
N SER A 206 2.29 11.79 -13.46
CA SER A 206 1.85 13.14 -13.94
C SER A 206 0.37 13.18 -14.38
N THR A 207 -0.10 12.10 -15.03
CA THR A 207 -1.49 11.98 -15.44
C THR A 207 -2.39 11.78 -14.25
N LEU A 208 -1.95 10.97 -13.27
CA LEU A 208 -2.73 10.83 -12.03
C LEU A 208 -2.93 12.19 -11.37
N MET A 209 -1.86 12.98 -11.26
CA MET A 209 -1.97 14.32 -10.68
C MET A 209 -2.91 15.20 -11.49
N LYS A 210 -2.93 15.06 -12.82
CA LYS A 210 -3.90 15.78 -13.66
C LYS A 210 -5.34 15.46 -13.23
N TYR A 211 -5.70 14.17 -13.17
CA TYR A 211 -7.07 13.80 -12.83
C TYR A 211 -7.49 14.15 -11.41
N LEU A 212 -6.56 13.98 -10.46
CA LEU A 212 -6.83 14.44 -9.09
C LEU A 212 -7.15 15.93 -9.06
N ASN A 213 -6.42 16.69 -9.86
CA ASN A 213 -6.69 18.12 -9.98
C ASN A 213 -7.97 18.47 -10.72
N TYR A 214 -8.26 17.74 -11.80
CA TYR A 214 -9.53 17.95 -12.49
C TYR A 214 -10.75 17.58 -11.60
N GLU A 215 -10.61 16.60 -10.71
CA GLU A 215 -11.66 16.26 -9.72
C GLU A 215 -11.65 17.13 -8.46
N LEU A 216 -10.71 18.09 -8.40
CA LEU A 216 -10.58 19.03 -7.30
C LEU A 216 -10.45 18.30 -5.96
N VAL A 217 -9.66 17.25 -5.96
CA VAL A 217 -9.31 16.48 -4.77
C VAL A 217 -8.45 17.39 -3.88
N TYR A 218 -8.62 17.26 -2.55
CA TYR A 218 -7.80 17.97 -1.58
C TYR A 218 -6.45 17.26 -1.49
N ILE A 219 -5.47 17.85 -2.15
CA ILE A 219 -4.19 17.20 -2.36
C ILE A 219 -3.42 16.88 -1.05
N PRO A 220 -3.50 17.72 -0.02
CA PRO A 220 -2.91 17.33 1.27
C PRO A 220 -3.58 16.15 1.99
N GLY A 221 -4.72 15.67 1.50
CA GLY A 221 -5.39 14.50 2.09
C GLY A 221 -5.39 13.27 1.21
N VAL A 222 -4.38 13.12 0.38
CA VAL A 222 -4.26 11.96 -0.51
C VAL A 222 -2.90 11.35 -0.28
N LEU A 223 -2.84 10.03 -0.21
CA LEU A 223 -1.57 9.29 -0.15
C LEU A 223 -1.42 8.53 -1.44
N ILE A 224 -0.19 8.49 -1.96
CA ILE A 224 0.09 7.75 -3.16
C ILE A 224 0.92 6.49 -2.87
N LYS A 225 0.37 5.33 -3.26
CA LYS A 225 1.05 4.04 -3.08
C LYS A 225 1.61 3.64 -4.42
N ALA A 226 2.91 3.66 -4.52
CA ALA A 226 3.59 3.56 -5.80
C ALA A 226 4.56 2.39 -5.84
N SER A 227 4.84 1.94 -7.07
CA SER A 227 5.89 0.97 -7.35
C SER A 227 7.23 1.65 -7.37
N TYR A 228 8.27 0.93 -6.92
CA TYR A 228 9.63 1.35 -7.20
C TYR A 228 9.89 1.29 -8.71
N VAL A 229 10.79 2.17 -9.20
CA VAL A 229 11.18 2.13 -10.60
C VAL A 229 12.27 1.09 -10.78
N THR A 230 11.94 -0.01 -11.45
CA THR A 230 12.91 -1.05 -11.80
C THR A 230 12.61 -1.61 -13.17
N SER A 231 13.51 -2.41 -13.72
CA SER A 231 13.16 -3.23 -14.86
C SER A 231 12.21 -4.37 -14.45
N GLY A 232 11.59 -4.97 -15.46
CA GLY A 232 10.60 -6.01 -15.24
C GLY A 232 11.28 -7.31 -14.89
N GLN A 233 10.55 -8.18 -14.18
CA GLN A 233 11.04 -9.49 -13.76
C GLN A 233 11.55 -10.37 -14.92
N LEU A 234 10.98 -10.20 -16.13
CA LEU A 234 11.39 -10.99 -17.29
C LEU A 234 12.53 -10.35 -18.07
N SER A 235 12.94 -9.14 -17.70
CA SER A 235 14.08 -8.48 -18.34
CA SER A 235 14.09 -8.49 -18.33
C SER A 235 15.35 -9.11 -17.76
N ASN A 236 16.40 -9.20 -18.56
CA ASN A 236 17.67 -9.69 -18.00
C ASN A 236 18.47 -8.51 -17.42
N GLU A 237 17.82 -7.36 -17.23
CA GLU A 237 18.57 -6.19 -16.82
C GLU A 237 18.71 -6.18 -15.30
N LYS A 238 19.92 -5.89 -14.83
CA LYS A 238 20.18 -5.82 -13.39
C LYS A 238 20.08 -4.37 -12.94
N TYR A 239 19.86 -4.20 -11.64
CA TYR A 239 19.95 -2.88 -11.01
C TYR A 239 20.34 -3.05 -9.55
N THR A 240 20.80 -1.97 -8.94
CA THR A 240 21.14 -1.97 -7.52
C THR A 240 20.23 -0.99 -6.76
N PRO A 241 20.22 -1.05 -5.41
CA PRO A 241 19.37 -0.15 -4.61
C PRO A 241 19.59 1.35 -4.87
N LYS A 242 20.84 1.76 -5.04
CA LYS A 242 21.16 3.14 -5.38
C LYS A 242 20.51 3.61 -6.71
N LYS A 243 20.56 2.76 -7.73
CA LYS A 243 19.95 3.07 -9.01
C LYS A 243 18.42 3.12 -8.87
N VAL A 244 17.83 2.17 -8.17
CA VAL A 244 16.38 2.23 -7.91
C VAL A 244 16.03 3.56 -7.22
N ALA A 245 16.86 3.93 -6.25
CA ALA A 245 16.65 5.14 -5.45
C ALA A 245 16.72 6.40 -6.31
N THR A 246 17.77 6.51 -7.11
CA THR A 246 17.98 7.61 -8.03
C THR A 246 16.82 7.77 -9.03
N PHE A 247 16.47 6.69 -9.73
CA PHE A 247 15.45 6.78 -10.73
C PHE A 247 14.09 7.04 -10.08
N THR A 248 13.81 6.42 -8.95
CA THR A 248 12.49 6.51 -8.35
C THR A 248 12.32 7.92 -7.85
N LEU A 249 13.33 8.46 -7.16
CA LEU A 249 13.23 9.81 -6.57
C LEU A 249 13.17 10.86 -7.69
N ARG A 250 13.94 10.67 -8.76
CA ARG A 250 13.81 11.59 -9.91
C ARG A 250 12.41 11.62 -10.49
N ALA A 251 11.79 10.46 -10.65
CA ALA A 251 10.45 10.40 -11.17
C ALA A 251 9.49 11.12 -10.23
N LEU A 252 9.66 10.95 -8.92
CA LEU A 252 8.75 11.57 -7.95
C LEU A 252 8.96 13.10 -7.87
N LEU A 253 10.20 13.55 -7.82
CA LEU A 253 10.51 14.98 -7.84
C LEU A 253 9.99 15.67 -9.10
N SER A 254 9.95 14.92 -10.20
CA SER A 254 9.44 15.44 -11.48
C SER A 254 7.90 15.54 -11.56
N THR A 255 7.17 14.80 -10.71
CA THR A 255 5.72 14.61 -10.87
C THR A 255 4.84 14.92 -9.68
N ILE A 256 5.36 14.83 -8.45
CA ILE A 256 4.49 14.91 -7.28
C ILE A 256 4.56 16.28 -6.61
N PRO A 257 3.46 17.01 -6.64
CA PRO A 257 3.34 18.37 -6.05
C PRO A 257 3.71 18.43 -4.57
N CYS A 258 4.25 19.56 -4.11
CA CYS A 258 4.61 19.76 -2.71
C CYS A 258 3.44 19.44 -1.76
N GLY A 259 2.22 19.61 -2.22
CA GLY A 259 1.06 19.43 -1.35
C GLY A 259 0.77 17.99 -0.94
N ILE A 260 1.21 17.01 -1.73
CA ILE A 260 1.04 15.60 -1.33
C ILE A 260 1.86 15.30 -0.02
N PRO A 261 1.23 14.67 0.98
CA PRO A 261 1.90 14.47 2.26
C PRO A 261 2.86 13.28 2.27
N GLY A 262 2.61 12.28 1.43
CA GLY A 262 3.46 11.10 1.46
C GLY A 262 3.26 10.15 0.29
N ILE A 263 4.34 9.49 -0.04
CA ILE A 263 4.39 8.36 -0.94
C ILE A 263 4.71 7.11 -0.12
N VAL A 264 3.97 6.04 -0.32
CA VAL A 264 4.19 4.78 0.38
C VAL A 264 4.44 3.70 -0.68
N PHE A 265 5.60 3.06 -0.61
CA PHE A 265 5.96 2.09 -1.62
C PHE A 265 5.33 0.73 -1.32
N LEU A 266 4.87 0.09 -2.40
CA LEU A 266 4.41 -1.28 -2.38
C LEU A 266 5.58 -2.20 -2.67
N SER A 267 5.55 -3.42 -2.12
CA SER A 267 6.70 -4.35 -2.32
C SER A 267 6.60 -5.05 -3.67
N GLY A 268 5.38 -5.32 -4.14
CA GLY A 268 5.14 -5.58 -5.58
C GLY A 268 5.64 -6.87 -6.18
N GLY A 269 6.06 -7.81 -5.33
CA GLY A 269 6.73 -9.01 -5.81
C GLY A 269 8.24 -8.93 -5.66
N HIS A 270 8.78 -7.78 -5.23
CA HIS A 270 10.22 -7.72 -4.89
C HIS A 270 10.43 -8.45 -3.55
N GLY A 271 11.63 -8.89 -3.25
CA GLY A 271 11.82 -9.58 -1.92
C GLY A 271 11.54 -8.64 -0.73
N SER A 272 11.26 -9.17 0.47
CA SER A 272 11.22 -8.32 1.68
C SER A 272 12.53 -7.54 1.83
N GLU A 273 13.66 -8.21 1.72
CA GLU A 273 14.96 -7.54 1.88
C GLU A 273 15.21 -6.45 0.82
N ASP A 274 14.88 -6.74 -0.43
CA ASP A 274 15.06 -5.75 -1.49
C ASP A 274 14.12 -4.57 -1.27
N ALA A 275 12.85 -4.82 -0.93
CA ALA A 275 11.90 -3.73 -0.80
C ALA A 275 12.33 -2.79 0.31
N ILE A 276 12.81 -3.35 1.43
CA ILE A 276 13.25 -2.54 2.56
C ILE A 276 14.56 -1.82 2.19
N GLY A 277 15.44 -2.50 1.47
CA GLY A 277 16.70 -1.88 1.04
C GLY A 277 16.50 -0.72 0.06
N PHE A 278 15.52 -0.85 -0.82
CA PHE A 278 15.21 0.24 -1.76
C PHE A 278 14.65 1.45 -0.99
N LEU A 279 13.83 1.18 0.04
CA LEU A 279 13.25 2.26 0.84
C LEU A 279 14.37 3.01 1.56
N ASN A 280 15.28 2.27 2.18
CA ASN A 280 16.40 2.90 2.87
C ASN A 280 17.21 3.77 1.91
N ALA A 281 17.50 3.23 0.74
CA ALA A 281 18.32 3.94 -0.25
C ALA A 281 17.65 5.23 -0.73
N ILE A 282 16.32 5.22 -0.92
CA ILE A 282 15.65 6.42 -1.40
C ILE A 282 15.67 7.49 -0.32
N ASN A 283 15.57 7.07 0.93
CA ASN A 283 15.63 8.01 2.04
C ASN A 283 17.03 8.49 2.39
N MET A 284 18.06 7.88 1.83
CA MET A 284 19.40 8.45 1.97
C MET A 284 19.73 9.47 0.85
N GLU A 285 18.94 9.48 -0.21
CA GLU A 285 19.18 10.40 -1.34
C GLU A 285 18.98 11.85 -0.91
N ARG A 286 19.82 12.73 -1.47
CA ARG A 286 19.64 14.16 -1.29
C ARG A 286 18.63 14.64 -2.36
N GLY A 287 17.99 15.76 -2.12
CA GLY A 287 17.05 16.34 -3.09
C GLY A 287 15.81 16.81 -2.37
N CYS A 288 15.66 18.13 -2.24
CA CYS A 288 14.63 18.72 -1.40
C CYS A 288 13.24 18.24 -1.76
N ARG A 289 12.47 17.88 -0.74
CA ARG A 289 11.10 17.48 -0.96
CA ARG A 289 11.12 17.38 -0.92
C ARG A 289 10.32 17.64 0.32
N THR A 290 9.01 17.74 0.17
CA THR A 290 8.11 18.00 1.28
C THR A 290 7.47 16.70 1.76
N TRP A 291 7.26 15.73 0.86
CA TRP A 291 6.56 14.50 1.23
C TRP A 291 7.46 13.47 1.90
N SER A 292 6.88 12.71 2.83
CA SER A 292 7.50 11.50 3.37
C SER A 292 7.61 10.41 2.30
N LEU A 293 8.64 9.59 2.44
CA LEU A 293 8.85 8.40 1.63
C LEU A 293 8.83 7.19 2.55
N SER A 294 7.70 6.50 2.58
CA SER A 294 7.52 5.41 3.52
C SER A 294 7.04 4.15 2.80
N PHE A 295 6.37 3.26 3.54
CA PHE A 295 6.00 1.92 3.03
C PHE A 295 4.53 1.62 3.18
N SER A 296 4.00 0.86 2.23
CA SER A 296 2.71 0.20 2.42
C SER A 296 2.90 -1.21 1.91
N PHE A 297 3.33 -2.10 2.82
CA PHE A 297 3.75 -3.44 2.42
C PHE A 297 2.76 -4.49 2.89
N ALA A 298 2.42 -5.41 2.01
CA ALA A 298 1.78 -6.66 2.43
C ALA A 298 2.89 -7.72 2.43
N ARG A 299 3.28 -8.19 1.27
CA ARG A 299 4.24 -9.32 1.18
C ARG A 299 5.54 -9.09 1.93
N ALA A 300 6.13 -7.91 1.78
CA ALA A 300 7.45 -7.63 2.37
C ALA A 300 7.40 -7.71 3.91
N LEU A 301 6.23 -7.47 4.48
CA LEU A 301 6.06 -7.53 5.93
C LEU A 301 5.50 -8.87 6.43
N THR A 302 4.68 -9.57 5.62
CA THR A 302 3.95 -10.75 6.12
C THR A 302 4.30 -12.11 5.51
N ASP A 303 5.13 -12.14 4.45
CA ASP A 303 5.56 -13.42 3.92
C ASP A 303 6.33 -14.24 4.96
N GLY A 304 7.22 -13.59 5.72
CA GLY A 304 8.00 -14.28 6.78
C GLY A 304 7.09 -14.80 7.88
N VAL A 305 6.07 -14.03 8.21
CA VAL A 305 5.12 -14.43 9.22
C VAL A 305 4.43 -15.72 8.76
N LEU A 306 3.99 -15.74 7.50
CA LEU A 306 3.34 -16.91 6.95
C LEU A 306 4.26 -18.13 6.93
N GLU A 307 5.51 -17.88 6.56
CA GLU A 307 6.48 -18.96 6.42
C GLU A 307 6.92 -19.54 7.76
N THR A 308 6.92 -18.69 8.79
CA THR A 308 7.22 -19.13 10.16
C THR A 308 6.00 -19.79 10.79
N TRP A 309 4.84 -19.17 10.69
CA TRP A 309 3.62 -19.72 11.27
C TRP A 309 3.25 -21.10 10.70
N ARG A 310 3.11 -21.18 9.38
CA ARG A 310 2.69 -22.41 8.69
C ARG A 310 1.40 -23.05 9.21
N GLY A 311 0.51 -22.27 9.80
CA GLY A 311 -0.76 -22.82 10.29
C GLY A 311 -0.67 -23.57 11.62
N ASP A 312 0.52 -23.58 12.23
CA ASP A 312 0.75 -24.27 13.48
C ASP A 312 0.85 -23.25 14.62
N ASP A 313 -0.13 -23.27 15.51
CA ASP A 313 -0.22 -22.38 16.70
CA ASP A 313 -0.15 -22.28 16.58
C ASP A 313 1.11 -22.28 17.47
N SER A 314 1.88 -23.39 17.50
CA SER A 314 3.18 -23.44 18.22
C SER A 314 4.21 -22.46 17.68
N ASN A 315 4.01 -22.06 16.44
CA ASN A 315 4.91 -21.14 15.73
C ASN A 315 4.50 -19.65 15.80
N ILE A 316 3.39 -19.34 16.45
CA ILE A 316 2.86 -18.00 16.43
C ILE A 316 3.76 -16.98 17.10
N GLU A 317 4.32 -17.31 18.27
CA GLU A 317 5.18 -16.37 18.99
C GLU A 317 6.36 -15.97 18.11
N GLU A 318 6.98 -16.97 17.49
CA GLU A 318 8.08 -16.68 16.56
C GLU A 318 7.62 -15.90 15.32
N ALA A 319 6.41 -16.20 14.84
CA ALA A 319 5.87 -15.48 13.68
C ALA A 319 5.70 -14.01 14.04
N GLN A 320 5.14 -13.73 15.21
CA GLN A 320 4.98 -12.35 15.65
C GLN A 320 6.32 -11.64 15.83
N LYS A 321 7.31 -12.34 16.35
CA LYS A 321 8.67 -11.80 16.46
C LYS A 321 9.22 -11.34 15.10
N ILE A 322 9.01 -12.14 14.06
CA ILE A 322 9.47 -11.80 12.71
C ILE A 322 8.73 -10.55 12.16
N LEU A 323 7.44 -10.44 12.44
CA LEU A 323 6.66 -9.27 12.02
C LEU A 323 7.26 -8.04 12.66
N LEU A 324 7.47 -8.10 13.97
CA LEU A 324 8.01 -6.95 14.71
C LEU A 324 9.39 -6.55 14.21
N GLU A 325 10.27 -7.52 14.01
CA GLU A 325 11.64 -7.27 13.55
C GLU A 325 11.65 -6.70 12.11
N THR A 326 10.81 -7.26 11.24
CA THR A 326 10.71 -6.76 9.86
C THR A 326 10.08 -5.37 9.80
N SER A 327 9.09 -5.10 10.66
CA SER A 327 8.50 -3.78 10.77
C SER A 327 9.54 -2.75 11.26
N PHE A 328 10.36 -3.14 12.24
CA PHE A 328 11.46 -2.29 12.70
C PHE A 328 12.36 -1.91 11.54
N LYS A 329 12.78 -2.88 10.75
CA LYS A 329 13.70 -2.60 9.63
C LYS A 329 13.06 -1.62 8.61
N ALA A 330 11.79 -1.84 8.30
CA ALA A 330 11.05 -0.99 7.35
C ALA A 330 11.02 0.46 7.83
N CYS A 331 10.75 0.61 9.13
CA CYS A 331 10.69 1.91 9.78
CA CYS A 331 10.73 1.92 9.78
C CYS A 331 12.06 2.59 9.76
N ARG A 332 13.12 1.86 10.08
CA ARG A 332 14.46 2.42 9.97
C ARG A 332 14.77 2.85 8.52
N GLY A 333 14.35 2.04 7.55
CA GLY A 333 14.48 2.38 6.11
C GLY A 333 13.72 3.65 5.74
N ALA A 334 12.54 3.83 6.32
CA ALA A 334 11.71 5.00 6.11
C ALA A 334 12.37 6.31 6.54
N GLU A 335 13.40 6.22 7.41
CA GLU A 335 14.21 7.40 7.75
C GLU A 335 15.65 7.33 7.26
N GLY A 336 15.96 6.37 6.41
CA GLY A 336 17.29 6.28 5.86
C GLY A 336 18.35 5.83 6.87
N LYS A 337 17.93 5.12 7.92
CA LYS A 337 18.85 4.78 9.02
C LYS A 337 19.20 3.30 9.19
N LEU A 338 18.87 2.48 8.20
CA LEU A 338 19.02 1.02 8.33
C LEU A 338 20.45 0.56 8.62
N TRP A 339 21.45 1.32 8.16
CA TRP A 339 22.86 1.00 8.41
C TRP A 339 23.30 1.34 9.82
N ASP A 340 22.48 2.12 10.53
CA ASP A 340 22.87 2.75 11.79
C ASP A 340 22.23 2.04 12.98
N GLN A 341 22.97 1.94 14.07
CA GLN A 341 22.40 1.27 15.23
C GLN A 341 21.65 2.24 16.14
N GLU A 342 20.37 1.91 16.43
CA GLU A 342 19.48 2.77 17.24
C GLU A 342 19.95 2.85 18.68
#